data_4UGM
#
_entry.id   4UGM
#
_cell.length_a   80.530
_cell.length_b   95.050
_cell.length_c   62.890
_cell.angle_alpha   90.00
_cell.angle_beta   90.00
_cell.angle_gamma   90.00
#
_symmetry.space_group_name_H-M   'P 21 21 2'
#
loop_
_entity.id
_entity.type
_entity.pdbx_description
1 polymer 'NITRIC OXIDE SYNTHASE OXYGENASE'
2 non-polymer 'PROTOPORPHYRIN IX CONTAINING FE'
3 non-polymer 5,6,7,8-TETRAHYDROBIOPTERIN
4 non-polymer 'CHLORIDE ION'
5 non-polymer "N,N'-(ethane-1,2-diyldibenzene-3,1-diyl)dithiophene-2-carboximidamide"
6 water water
#
_entity_poly.entity_id   1
_entity_poly.type   'polypeptide(L)'
_entity_poly.pdbx_seq_one_letter_code
;MEEKEILWNEAKAFIAACYQELGKAAEVKDRLADIKSEIDLTGSYVHTKEELEHGAKMAWRNSNRCIGRLFWNSLNVIDR
RDVRTKEEVRDALFHHIETATNNGKIRPTITIFPPEEKGEKQVEIWNHQLIRYAGYESDGERIGDPASCSLTAACEELGW
RGERTDFDLLPLIFRMKGDEQPVWYELPRSLVIEVPITHPDIEAFSDLELKWYGVPIISDMKLEVGGIHYNAAPFNGWYM
GTEIGARNLADEKRYDKLKKVASVIGIAADYNTDLWKDQALVELNKAVLHSYKKQGVSIVDHHTAASQFKRFEEQAEEAG
RKLTGDWTWLIPPISPAATHIFHRSYDNSIVKPNYFYQDKPYE
;
_entity_poly.pdbx_strand_id   A
#
# COMPACT_ATOMS: atom_id res chain seq x y z
N GLU A 2 -18.89 -9.17 25.13
CA GLU A 2 -18.95 -7.98 24.30
C GLU A 2 -18.46 -8.25 22.87
N GLU A 3 -17.54 -9.20 22.73
CA GLU A 3 -16.93 -9.50 21.43
C GLU A 3 -17.93 -9.99 20.38
N LYS A 4 -18.79 -10.93 20.75
CA LYS A 4 -19.82 -11.45 19.84
C LYS A 4 -20.76 -10.31 19.49
N GLU A 5 -21.00 -9.45 20.48
CA GLU A 5 -21.87 -8.30 20.30
C GLU A 5 -21.25 -7.26 19.37
N ILE A 6 -19.93 -7.08 19.47
CA ILE A 6 -19.23 -6.18 18.56
C ILE A 6 -19.34 -6.70 17.13
N LEU A 7 -19.03 -7.99 16.97
CA LEU A 7 -19.10 -8.64 15.67
C LEU A 7 -20.49 -8.47 15.07
N TRP A 8 -21.50 -8.77 15.86
CA TRP A 8 -22.88 -8.73 15.37
C TRP A 8 -23.32 -7.32 14.99
N ASN A 9 -22.83 -6.33 15.74
CA ASN A 9 -23.19 -4.95 15.47
C ASN A 9 -22.57 -4.44 14.15
N GLU A 10 -21.27 -4.71 13.97
CA GLU A 10 -20.55 -4.34 12.75
C GLU A 10 -21.13 -5.07 11.55
N ALA A 11 -21.43 -6.36 11.74
CA ALA A 11 -22.02 -7.18 10.68
C ALA A 11 -23.37 -6.60 10.27
N LYS A 12 -24.14 -6.16 11.26
CA LYS A 12 -25.43 -5.55 10.97
C LYS A 12 -25.27 -4.27 10.13
N ALA A 13 -24.35 -3.39 10.55
CA ALA A 13 -24.14 -2.16 9.81
C ALA A 13 -23.56 -2.39 8.41
N PHE A 14 -22.57 -3.29 8.31
CA PHE A 14 -21.96 -3.58 7.01
C PHE A 14 -22.94 -4.18 6.00
N ILE A 15 -23.61 -5.26 6.38
CA ILE A 15 -24.52 -5.95 5.45
C ILE A 15 -25.62 -5.04 4.91
N ALA A 16 -26.22 -4.23 5.76
CA ALA A 16 -27.24 -3.28 5.34
C ALA A 16 -26.70 -2.33 4.27
N ALA A 17 -25.60 -1.66 4.57
CA ALA A 17 -24.99 -0.70 3.64
C ALA A 17 -24.52 -1.36 2.34
N CYS A 18 -23.86 -2.51 2.47
CA CYS A 18 -23.32 -3.21 1.31
C CYS A 18 -24.42 -3.68 0.36
N TYR A 19 -25.46 -4.29 0.92
CA TYR A 19 -26.58 -4.77 0.11
C TYR A 19 -27.36 -3.62 -0.49
N GLN A 20 -27.45 -2.50 0.25
CA GLN A 20 -28.10 -1.31 -0.27
C GLN A 20 -27.39 -0.79 -1.51
N GLU A 21 -26.07 -0.73 -1.45
CA GLU A 21 -25.28 -0.25 -2.58
C GLU A 21 -25.43 -1.18 -3.79
N LEU A 22 -25.58 -2.48 -3.53
CA LEU A 22 -25.66 -3.48 -4.58
C LEU A 22 -27.09 -3.74 -5.07
N GLY A 23 -28.03 -2.91 -4.64
CA GLY A 23 -29.42 -3.07 -4.99
C GLY A 23 -30.00 -4.39 -4.50
N LYS A 24 -29.57 -4.81 -3.31
CA LYS A 24 -29.98 -6.08 -2.73
C LYS A 24 -30.64 -5.90 -1.37
N ALA A 25 -31.30 -4.76 -1.18
CA ALA A 25 -31.85 -4.41 0.13
C ALA A 25 -32.86 -5.44 0.66
N ALA A 26 -33.61 -6.04 -0.25
CA ALA A 26 -34.60 -7.06 0.11
C ALA A 26 -33.98 -8.28 0.80
N GLU A 27 -32.75 -8.62 0.44
CA GLU A 27 -32.09 -9.81 0.97
C GLU A 27 -31.44 -9.58 2.32
N VAL A 28 -31.54 -8.36 2.82
CA VAL A 28 -30.86 -8.00 4.05
C VAL A 28 -31.37 -8.77 5.26
N LYS A 29 -32.70 -8.84 5.41
CA LYS A 29 -33.32 -9.46 6.59
C LYS A 29 -32.90 -10.91 6.78
N ASP A 30 -32.98 -11.68 5.70
CA ASP A 30 -32.70 -13.11 5.75
C ASP A 30 -31.22 -13.41 5.95
N ARG A 31 -30.37 -12.67 5.23
CA ARG A 31 -28.92 -12.85 5.36
C ARG A 31 -28.44 -12.56 6.78
N LEU A 32 -29.07 -11.59 7.43
CA LEU A 32 -28.69 -11.25 8.79
C LEU A 32 -29.19 -12.30 9.79
N ALA A 33 -30.34 -12.90 9.49
CA ALA A 33 -30.83 -14.03 10.26
C ALA A 33 -29.75 -15.11 10.25
N ASP A 34 -29.41 -15.56 9.04
CA ASP A 34 -28.33 -16.53 8.81
C ASP A 34 -27.06 -16.21 9.59
N ILE A 35 -26.61 -14.96 9.49
CA ILE A 35 -25.40 -14.53 10.17
C ILE A 35 -25.57 -14.65 11.68
N LYS A 36 -26.71 -14.16 12.18
CA LYS A 36 -27.01 -14.18 13.61
C LYS A 36 -26.87 -15.58 14.20
N SER A 37 -27.40 -16.57 13.48
CA SER A 37 -27.30 -17.96 13.91
C SER A 37 -25.88 -18.51 13.76
N GLU A 38 -25.24 -18.18 12.64
CA GLU A 38 -23.87 -18.65 12.39
C GLU A 38 -22.93 -18.15 13.48
N ILE A 39 -23.12 -16.91 13.92
CA ILE A 39 -22.33 -16.36 15.03
C ILE A 39 -22.63 -17.13 16.32
N ASP A 40 -23.92 -17.30 16.62
CA ASP A 40 -24.38 -18.10 17.77
C ASP A 40 -23.67 -19.44 17.86
N LEU A 41 -23.60 -20.14 16.72
CA LEU A 41 -22.93 -21.41 16.63
C LEU A 41 -21.41 -21.25 16.66
N THR A 42 -20.89 -20.73 15.55
CA THR A 42 -19.48 -20.82 15.21
C THR A 42 -18.56 -19.80 15.87
N GLY A 43 -19.14 -18.74 16.45
CA GLY A 43 -18.34 -17.69 17.04
C GLY A 43 -17.93 -16.62 16.03
N SER A 44 -18.39 -16.78 14.80
CA SER A 44 -18.10 -15.85 13.73
C SER A 44 -18.99 -16.12 12.53
N TYR A 45 -18.67 -15.51 11.39
CA TYR A 45 -19.40 -15.77 10.14
C TYR A 45 -18.51 -15.59 8.91
N VAL A 46 -18.97 -16.13 7.78
CA VAL A 46 -18.16 -16.13 6.57
C VAL A 46 -18.81 -15.26 5.51
N HIS A 47 -18.07 -14.30 4.96
CA HIS A 47 -18.60 -13.44 3.92
C HIS A 47 -18.80 -14.22 2.63
N THR A 48 -19.81 -13.83 1.87
CA THR A 48 -19.96 -14.32 0.52
C THR A 48 -18.92 -13.63 -0.37
N LYS A 49 -18.63 -14.20 -1.54
CA LYS A 49 -17.67 -13.60 -2.46
C LYS A 49 -18.01 -12.14 -2.78
N GLU A 50 -19.30 -11.88 -2.95
CA GLU A 50 -19.78 -10.54 -3.28
C GLU A 50 -19.60 -9.56 -2.12
N GLU A 51 -19.82 -10.04 -0.90
CA GLU A 51 -19.66 -9.19 0.26
C GLU A 51 -18.19 -8.86 0.45
N LEU A 52 -17.34 -9.86 0.23
CA LEU A 52 -15.91 -9.69 0.47
C LEU A 52 -15.32 -8.70 -0.53
N GLU A 53 -15.69 -8.87 -1.79
CA GLU A 53 -15.23 -7.99 -2.86
C GLU A 53 -15.70 -6.57 -2.63
N HIS A 54 -16.99 -6.39 -2.39
CA HIS A 54 -17.51 -5.04 -2.19
C HIS A 54 -16.97 -4.42 -0.91
N GLY A 55 -16.81 -5.24 0.14
CA GLY A 55 -16.18 -4.80 1.38
C GLY A 55 -14.77 -4.25 1.18
N ALA A 56 -13.96 -4.94 0.37
CA ALA A 56 -12.60 -4.49 0.09
C ALA A 56 -12.65 -3.18 -0.68
N LYS A 57 -13.64 -3.04 -1.54
CA LYS A 57 -13.78 -1.81 -2.30
C LYS A 57 -14.21 -0.67 -1.38
N MET A 58 -15.15 -0.94 -0.48
CA MET A 58 -15.61 0.11 0.44
C MET A 58 -14.49 0.59 1.33
N ALA A 59 -13.64 -0.34 1.75
CA ALA A 59 -12.55 -0.04 2.65
C ALA A 59 -11.57 0.94 1.99
N TRP A 60 -11.29 0.73 0.71
CA TRP A 60 -10.46 1.65 -0.04
C TRP A 60 -11.17 3.02 -0.15
N ARG A 61 -12.47 3.01 -0.38
CA ARG A 61 -13.22 4.26 -0.56
C ARG A 61 -13.23 5.08 0.72
N ASN A 62 -13.08 4.40 1.85
CA ASN A 62 -13.13 5.03 3.17
C ASN A 62 -11.76 5.40 3.71
N SER A 63 -10.71 5.16 2.95
CA SER A 63 -9.35 5.41 3.44
C SER A 63 -9.04 6.90 3.33
N ASN A 64 -9.20 7.60 4.45
CA ASN A 64 -9.05 9.05 4.50
C ASN A 64 -7.75 9.59 3.90
N ARG A 65 -6.67 8.83 4.05
CA ARG A 65 -5.36 9.31 3.63
C ARG A 65 -5.05 9.06 2.15
N CYS A 66 -5.97 8.43 1.43
CA CYS A 66 -5.69 8.05 0.03
C CYS A 66 -6.20 9.03 -1.03
N ILE A 67 -5.28 9.60 -1.80
CA ILE A 67 -5.62 10.55 -2.86
C ILE A 67 -6.11 9.81 -4.11
N GLY A 68 -5.89 8.51 -4.18
CA GLY A 68 -6.15 7.76 -5.40
C GLY A 68 -7.52 7.09 -5.44
N ARG A 69 -8.41 7.53 -4.55
CA ARG A 69 -9.66 6.82 -4.34
C ARG A 69 -10.70 6.90 -5.46
N LEU A 70 -10.48 7.71 -6.50
CA LEU A 70 -11.45 7.78 -7.60
C LEU A 70 -11.74 6.39 -8.18
N PHE A 71 -10.73 5.53 -8.18
CA PHE A 71 -10.86 4.24 -8.86
C PHE A 71 -11.24 3.08 -7.96
N TRP A 72 -11.82 3.40 -6.80
CA TRP A 72 -12.14 2.38 -5.79
C TRP A 72 -12.93 1.18 -6.32
N ASN A 73 -13.84 1.45 -7.27
CA ASN A 73 -14.75 0.42 -7.76
C ASN A 73 -14.09 -0.55 -8.75
N SER A 74 -12.89 -0.20 -9.21
CA SER A 74 -12.20 -1.08 -10.16
C SER A 74 -11.20 -2.01 -9.48
N LEU A 75 -11.15 -1.99 -8.15
CA LEU A 75 -10.28 -2.88 -7.38
C LEU A 75 -10.47 -4.36 -7.77
N ASN A 76 -9.38 -5.04 -8.10
CA ASN A 76 -9.42 -6.48 -8.45
C ASN A 76 -9.22 -7.30 -7.18
N VAL A 77 -10.29 -7.95 -6.71
CA VAL A 77 -10.24 -8.64 -5.42
C VAL A 77 -9.96 -10.12 -5.61
N ILE A 78 -8.86 -10.61 -5.05
CA ILE A 78 -8.55 -12.04 -5.18
C ILE A 78 -8.84 -12.76 -3.87
N ASP A 79 -9.77 -13.71 -3.92
CA ASP A 79 -10.22 -14.46 -2.75
C ASP A 79 -9.34 -15.68 -2.46
N ARG A 80 -8.43 -15.53 -1.51
CA ARG A 80 -7.57 -16.67 -1.12
C ARG A 80 -7.78 -17.16 0.31
N ARG A 81 -9.03 -17.12 0.77
CA ARG A 81 -9.40 -17.64 2.10
C ARG A 81 -9.23 -19.16 2.21
N ASP A 82 -8.99 -19.82 1.08
CA ASP A 82 -8.80 -21.26 1.02
C ASP A 82 -7.38 -21.76 1.35
N VAL A 83 -6.40 -20.85 1.46
CA VAL A 83 -5.02 -21.30 1.68
C VAL A 83 -4.80 -21.87 3.08
N ARG A 84 -3.98 -22.92 3.16
CA ARG A 84 -3.70 -23.59 4.43
C ARG A 84 -2.20 -23.79 4.62
N THR A 85 -1.46 -23.85 3.51
CA THR A 85 -0.03 -24.12 3.57
C THR A 85 0.83 -22.90 3.21
N LYS A 86 2.05 -22.89 3.72
CA LYS A 86 2.97 -21.79 3.43
C LYS A 86 3.36 -21.76 1.96
N GLU A 87 3.35 -22.92 1.31
CA GLU A 87 3.57 -23.00 -0.13
C GLU A 87 2.45 -22.27 -0.87
N GLU A 88 1.21 -22.50 -0.44
CA GLU A 88 0.05 -21.83 -1.02
C GLU A 88 0.08 -20.31 -0.76
N VAL A 89 0.55 -19.90 0.41
CA VAL A 89 0.66 -18.48 0.71
C VAL A 89 1.71 -17.84 -0.20
N ARG A 90 2.87 -18.49 -0.26
CA ARG A 90 3.99 -17.99 -1.06
C ARG A 90 3.59 -17.84 -2.51
N ASP A 91 2.92 -18.84 -3.04
CA ASP A 91 2.49 -18.81 -4.43
C ASP A 91 1.40 -17.75 -4.67
N ALA A 92 0.48 -17.59 -3.72
CA ALA A 92 -0.53 -16.53 -3.81
C ALA A 92 0.12 -15.15 -3.84
N LEU A 93 1.15 -14.95 -3.01
CA LEU A 93 1.92 -13.72 -3.04
C LEU A 93 2.65 -13.52 -4.38
N PHE A 94 3.32 -14.56 -4.86
CA PHE A 94 3.97 -14.51 -6.16
C PHE A 94 2.96 -14.13 -7.25
N HIS A 95 1.79 -14.77 -7.21
CA HIS A 95 0.75 -14.53 -8.20
C HIS A 95 0.27 -13.08 -8.14
N HIS A 96 0.15 -12.55 -6.92
CA HIS A 96 -0.32 -11.17 -6.74
C HIS A 96 0.62 -10.22 -7.48
N ILE A 97 1.91 -10.35 -7.21
CA ILE A 97 2.92 -9.53 -7.88
C ILE A 97 2.77 -9.58 -9.40
N GLU A 98 2.63 -10.80 -9.93
CA GLU A 98 2.58 -10.96 -11.38
C GLU A 98 1.34 -10.32 -12.00
N THR A 99 0.18 -10.61 -11.43
CA THR A 99 -1.05 -10.11 -12.03
C THR A 99 -1.27 -8.62 -11.78
N ALA A 100 -0.71 -8.10 -10.67
CA ALA A 100 -0.81 -6.67 -10.40
C ALA A 100 0.11 -5.92 -11.34
N THR A 101 1.32 -6.45 -11.53
CA THR A 101 2.31 -5.81 -12.39
C THR A 101 1.80 -5.71 -13.83
N ASN A 102 1.34 -6.84 -14.36
CA ASN A 102 0.71 -6.86 -15.67
C ASN A 102 1.59 -6.22 -16.73
N ASN A 103 2.85 -6.64 -16.80
CA ASN A 103 3.78 -6.10 -17.78
C ASN A 103 4.00 -4.58 -17.70
N GLY A 104 3.65 -3.98 -16.56
CA GLY A 104 3.82 -2.55 -16.37
C GLY A 104 2.52 -1.76 -16.31
N LYS A 105 1.45 -2.32 -16.89
CA LYS A 105 0.13 -1.67 -16.85
C LYS A 105 -0.55 -2.11 -15.57
N ILE A 106 -0.17 -1.46 -14.47
CA ILE A 106 -0.49 -1.95 -13.11
C ILE A 106 -1.98 -2.04 -12.85
N ARG A 107 -2.42 -3.15 -12.27
CA ARG A 107 -3.84 -3.34 -11.89
C ARG A 107 -3.97 -3.24 -10.38
N PRO A 108 -4.78 -2.28 -9.89
CA PRO A 108 -5.04 -2.23 -8.45
C PRO A 108 -5.66 -3.56 -8.00
N THR A 109 -4.95 -4.29 -7.14
CA THR A 109 -5.35 -5.63 -6.75
C THR A 109 -5.23 -5.81 -5.25
N ILE A 110 -6.09 -6.66 -4.69
CA ILE A 110 -5.91 -7.09 -3.30
C ILE A 110 -6.07 -8.61 -3.20
N THR A 111 -5.18 -9.25 -2.45
CA THR A 111 -5.32 -10.69 -2.18
C THR A 111 -5.73 -10.87 -0.73
N ILE A 112 -6.86 -11.54 -0.51
CA ILE A 112 -7.38 -11.70 0.84
C ILE A 112 -7.17 -13.12 1.40
N PHE A 113 -6.41 -13.21 2.49
CA PHE A 113 -6.10 -14.48 3.14
C PHE A 113 -7.12 -14.74 4.27
N PRO A 114 -7.14 -15.97 4.83
CA PRO A 114 -8.07 -16.26 5.95
C PRO A 114 -7.97 -15.22 7.08
N PRO A 115 -9.12 -14.80 7.62
CA PRO A 115 -9.18 -13.79 8.69
C PRO A 115 -8.74 -14.33 10.04
N GLU A 116 -8.52 -13.44 11.00
CA GLU A 116 -8.22 -13.85 12.37
C GLU A 116 -9.41 -14.65 12.91
N GLU A 117 -9.16 -15.62 13.78
CA GLU A 117 -10.26 -16.42 14.29
C GLU A 117 -10.82 -15.83 15.58
N LYS A 118 -10.05 -15.93 16.64
CA LYS A 118 -10.38 -15.26 17.90
C LYS A 118 -9.20 -14.34 18.21
N GLY A 119 -8.94 -13.42 17.28
CA GLY A 119 -7.74 -12.60 17.34
C GLY A 119 -6.51 -13.45 17.08
N GLU A 120 -6.72 -14.70 16.67
CA GLU A 120 -5.63 -15.60 16.32
C GLU A 120 -5.39 -15.55 14.81
N LYS A 121 -4.17 -15.17 14.42
CA LYS A 121 -3.84 -15.04 13.01
C LYS A 121 -3.64 -16.41 12.34
N GLN A 122 -4.20 -16.56 11.15
CA GLN A 122 -3.95 -17.77 10.36
C GLN A 122 -2.63 -17.58 9.61
N VAL A 123 -2.41 -16.37 9.14
CA VAL A 123 -1.22 -16.03 8.36
C VAL A 123 -0.76 -14.68 8.82
N GLU A 124 0.53 -14.55 9.11
CA GLU A 124 1.07 -13.31 9.65
C GLU A 124 2.21 -12.84 8.75
N ILE A 125 1.94 -11.79 7.98
CA ILE A 125 2.93 -11.30 7.01
C ILE A 125 3.86 -10.28 7.69
N TRP A 126 5.16 -10.45 7.52
CA TRP A 126 6.14 -9.59 8.16
C TRP A 126 6.56 -8.40 7.29
N ASN A 127 6.55 -8.58 5.97
CA ASN A 127 6.93 -7.48 5.06
C ASN A 127 6.05 -6.25 5.20
N HIS A 128 6.64 -5.06 5.10
CA HIS A 128 5.86 -3.84 5.00
C HIS A 128 5.23 -3.75 3.60
N GLN A 129 6.06 -3.88 2.57
CA GLN A 129 5.57 -4.12 1.20
C GLN A 129 6.16 -5.43 0.70
N LEU A 130 5.46 -6.10 -0.22
CA LEU A 130 5.92 -7.37 -0.78
C LEU A 130 7.25 -7.17 -1.49
N ILE A 131 7.36 -6.05 -2.20
CA ILE A 131 8.62 -5.68 -2.83
C ILE A 131 9.19 -4.47 -2.13
N ARG A 132 10.33 -4.65 -1.48
CA ARG A 132 11.02 -3.56 -0.80
C ARG A 132 12.52 -3.82 -0.68
N TYR A 133 13.29 -2.74 -0.55
CA TYR A 133 14.73 -2.86 -0.47
C TYR A 133 15.21 -2.97 0.98
N ALA A 134 16.28 -3.73 1.17
CA ALA A 134 16.90 -3.95 2.48
C ALA A 134 17.65 -2.71 2.91
N GLY A 135 17.92 -2.63 4.21
CA GLY A 135 18.69 -1.53 4.75
C GLY A 135 19.67 -2.02 5.80
N TYR A 136 20.91 -1.52 5.73
CA TYR A 136 21.95 -1.94 6.64
C TYR A 136 22.65 -0.74 7.29
N GLU A 137 23.19 -0.98 8.47
CA GLU A 137 24.05 -0.04 9.15
C GLU A 137 25.03 -0.84 9.96
N SER A 138 26.26 -0.91 9.48
CA SER A 138 27.38 -1.24 10.35
C SER A 138 28.27 0.00 10.41
N ASP A 139 29.17 0.02 11.38
CA ASP A 139 30.20 1.06 11.52
C ASP A 139 29.93 2.44 10.88
N GLY A 140 28.71 2.95 11.02
CA GLY A 140 28.42 4.27 10.47
C GLY A 140 28.34 4.36 8.95
N GLU A 141 28.49 3.23 8.26
CA GLU A 141 28.16 3.23 6.84
C GLU A 141 26.69 2.81 6.66
N ARG A 142 25.90 3.71 6.08
CA ARG A 142 24.52 3.41 5.73
C ARG A 142 24.50 2.74 4.36
N ILE A 143 23.76 1.65 4.25
CA ILE A 143 23.56 0.99 2.96
C ILE A 143 22.08 0.71 2.79
N GLY A 144 21.55 1.01 1.61
CA GLY A 144 20.17 0.66 1.31
C GLY A 144 19.14 1.56 1.97
N ASP A 145 17.96 1.01 2.26
CA ASP A 145 16.83 1.77 2.78
C ASP A 145 16.74 1.71 4.31
N PRO A 146 17.09 2.82 5.00
CA PRO A 146 17.04 2.82 6.46
C PRO A 146 15.70 2.35 7.03
N ALA A 147 14.61 2.57 6.30
CA ALA A 147 13.29 2.20 6.82
C ALA A 147 13.17 0.70 6.90
N SER A 148 14.07 -0.01 6.22
CA SER A 148 14.02 -1.46 6.22
C SER A 148 15.00 -2.07 7.23
N CYS A 149 15.67 -1.24 8.02
CA CYS A 149 16.72 -1.69 8.93
C CYS A 149 16.30 -2.79 9.89
N SER A 150 15.21 -2.58 10.63
CA SER A 150 14.77 -3.57 11.59
C SER A 150 14.33 -4.87 10.91
N LEU A 151 13.50 -4.77 9.87
CA LEU A 151 13.05 -5.98 9.16
C LEU A 151 14.23 -6.75 8.54
N THR A 152 15.19 -6.01 7.97
CA THR A 152 16.38 -6.63 7.41
C THR A 152 17.17 -7.41 8.48
N ALA A 153 17.32 -6.81 9.66
CA ALA A 153 18.00 -7.49 10.76
C ALA A 153 17.29 -8.78 11.17
N ALA A 154 15.96 -8.78 11.20
CA ALA A 154 15.21 -9.99 11.52
C ALA A 154 15.37 -11.06 10.45
N CYS A 155 15.37 -10.64 9.19
CA CYS A 155 15.56 -11.60 8.11
C CYS A 155 16.91 -12.29 8.21
N GLU A 156 17.96 -11.51 8.47
CA GLU A 156 19.32 -12.06 8.55
C GLU A 156 19.50 -12.92 9.80
N GLU A 157 18.73 -12.61 10.85
CA GLU A 157 18.60 -13.50 12.00
C GLU A 157 18.17 -14.89 11.57
N LEU A 158 17.31 -14.97 10.58
CA LEU A 158 16.69 -16.22 10.18
C LEU A 158 17.41 -16.93 9.04
N GLY A 159 18.62 -16.50 8.71
CA GLY A 159 19.41 -17.20 7.72
C GLY A 159 19.52 -16.58 6.34
N TRP A 160 18.70 -15.58 6.06
CA TRP A 160 18.82 -14.82 4.81
C TRP A 160 20.08 -13.95 4.89
N ARG A 161 20.75 -13.77 3.76
CA ARG A 161 21.87 -12.84 3.67
C ARG A 161 21.72 -11.96 2.43
N GLY A 162 21.82 -10.64 2.60
CA GLY A 162 21.71 -9.73 1.46
C GLY A 162 23.08 -9.40 0.89
N GLU A 163 23.11 -9.04 -0.39
CA GLU A 163 24.38 -8.69 -1.02
C GLU A 163 24.94 -7.33 -0.59
N ARG A 164 24.15 -6.58 0.16
CA ARG A 164 24.53 -5.25 0.60
C ARG A 164 24.84 -4.26 -0.53
N THR A 165 24.04 -4.31 -1.58
CA THR A 165 23.90 -3.21 -2.51
C THR A 165 22.88 -2.26 -1.88
N ASP A 166 22.65 -1.12 -2.50
CA ASP A 166 21.70 -0.15 -1.94
C ASP A 166 20.27 -0.56 -2.29
N PHE A 167 20.15 -1.63 -3.09
CA PHE A 167 18.86 -2.05 -3.61
C PHE A 167 18.66 -3.56 -3.54
N ASP A 168 19.05 -4.18 -2.42
CA ASP A 168 18.78 -5.61 -2.22
C ASP A 168 17.27 -5.81 -2.06
N LEU A 169 16.70 -6.72 -2.83
CA LEU A 169 15.29 -7.07 -2.62
C LEU A 169 15.14 -7.95 -1.37
N LEU A 170 14.29 -7.52 -0.44
CA LEU A 170 14.02 -8.34 0.74
C LEU A 170 13.25 -9.59 0.34
N PRO A 171 13.41 -10.68 1.09
CA PRO A 171 12.61 -11.86 0.75
C PRO A 171 11.21 -11.67 1.32
N LEU A 172 10.21 -12.35 0.74
CA LEU A 172 8.91 -12.42 1.38
C LEU A 172 9.14 -13.13 2.71
N ILE A 173 8.50 -12.66 3.77
CA ILE A 173 8.64 -13.33 5.06
C ILE A 173 7.31 -13.29 5.81
N PHE A 174 6.83 -14.48 6.17
CA PHE A 174 5.57 -14.61 6.87
C PHE A 174 5.58 -15.81 7.80
N ARG A 175 4.73 -15.77 8.82
CA ARG A 175 4.58 -16.90 9.73
C ARG A 175 3.18 -17.48 9.62
N MET A 176 3.09 -18.80 9.75
CA MET A 176 1.81 -19.50 9.78
C MET A 176 1.38 -19.80 11.22
N LYS A 177 0.06 -19.89 11.42
CA LYS A 177 -0.50 -20.29 12.70
C LYS A 177 0.12 -21.64 13.05
N GLY A 178 0.71 -21.74 14.24
CA GLY A 178 1.24 -23.01 14.69
C GLY A 178 2.72 -23.19 14.40
N ASP A 179 3.31 -22.21 13.73
CA ASP A 179 4.76 -22.17 13.59
C ASP A 179 5.30 -21.11 14.53
N GLU A 180 6.46 -21.39 15.12
CA GLU A 180 7.05 -20.48 16.07
C GLU A 180 7.94 -19.47 15.35
N GLN A 181 8.35 -19.84 14.14
CA GLN A 181 9.20 -18.99 13.32
C GLN A 181 8.56 -18.77 11.96
N PRO A 182 8.91 -17.63 11.33
CA PRO A 182 8.38 -17.40 9.97
C PRO A 182 9.28 -18.09 8.94
N VAL A 183 8.77 -18.30 7.74
CA VAL A 183 9.61 -18.75 6.65
C VAL A 183 9.94 -17.56 5.76
N TRP A 184 10.97 -17.69 4.94
CA TRP A 184 11.29 -16.65 3.99
C TRP A 184 11.66 -17.20 2.62
N TYR A 185 11.20 -16.52 1.57
CA TYR A 185 11.47 -16.94 0.20
C TYR A 185 12.02 -15.79 -0.61
N GLU A 186 13.17 -16.02 -1.24
CA GLU A 186 13.78 -15.05 -2.13
C GLU A 186 12.78 -14.74 -3.24
N LEU A 187 12.70 -13.46 -3.62
CA LEU A 187 11.82 -13.06 -4.73
C LEU A 187 12.45 -13.39 -6.07
N PRO A 188 11.71 -14.08 -6.94
CA PRO A 188 12.17 -14.31 -8.31
C PRO A 188 12.34 -12.98 -9.06
N ARG A 189 13.55 -12.70 -9.55
CA ARG A 189 13.83 -11.44 -10.22
C ARG A 189 12.91 -11.21 -11.43
N SER A 190 12.53 -12.29 -12.11
CA SER A 190 11.64 -12.18 -13.26
C SER A 190 10.28 -11.57 -12.88
N LEU A 191 9.93 -11.61 -11.59
CA LEU A 191 8.64 -11.12 -11.12
C LEU A 191 8.62 -9.62 -10.82
N VAL A 192 9.79 -9.05 -10.55
CA VAL A 192 9.90 -7.70 -10.01
C VAL A 192 10.33 -6.70 -11.07
N ILE A 193 9.42 -5.84 -11.49
CA ILE A 193 9.81 -4.78 -12.42
C ILE A 193 10.53 -3.65 -11.66
N GLU A 194 11.65 -3.18 -12.22
CA GLU A 194 12.36 -2.05 -11.63
C GLU A 194 12.57 -1.01 -12.70
N VAL A 195 12.71 0.24 -12.29
CA VAL A 195 12.84 1.37 -13.22
C VAL A 195 14.09 2.18 -12.91
N PRO A 196 15.06 2.20 -13.84
CA PRO A 196 16.25 3.04 -13.66
C PRO A 196 15.88 4.52 -13.80
N ILE A 197 16.40 5.38 -12.94
CA ILE A 197 15.99 6.78 -12.97
C ILE A 197 16.90 7.62 -13.84
N THR A 198 16.35 8.16 -14.91
CA THR A 198 17.08 9.06 -15.81
C THR A 198 16.29 10.35 -15.94
N HIS A 199 16.92 11.37 -16.50
CA HIS A 199 16.28 12.68 -16.62
C HIS A 199 16.08 12.97 -18.10
N PRO A 200 14.93 13.58 -18.46
CA PRO A 200 14.63 13.87 -19.86
C PRO A 200 15.69 14.68 -20.61
N ASP A 201 16.45 15.56 -19.94
CA ASP A 201 17.45 16.35 -20.67
C ASP A 201 18.82 16.48 -20.04
N ILE A 202 18.96 16.01 -18.80
CA ILE A 202 20.24 16.04 -18.10
C ILE A 202 20.84 14.64 -18.09
N GLU A 203 21.75 14.36 -19.03
CA GLU A 203 22.24 13.01 -19.20
C GLU A 203 23.00 12.51 -17.96
N ALA A 204 23.71 13.44 -17.31
CA ALA A 204 24.50 13.09 -16.14
C ALA A 204 23.68 12.48 -15.00
N PHE A 205 22.37 12.68 -15.03
CA PHE A 205 21.50 12.16 -13.98
C PHE A 205 21.66 10.65 -13.77
N SER A 206 22.01 9.93 -14.83
CA SER A 206 22.23 8.48 -14.73
C SER A 206 23.41 8.13 -13.86
N ASP A 207 24.33 9.09 -13.66
CA ASP A 207 25.52 8.84 -12.84
C ASP A 207 25.13 8.54 -11.40
N LEU A 208 23.93 8.94 -11.00
CA LEU A 208 23.45 8.70 -9.65
C LEU A 208 23.12 7.24 -9.45
N GLU A 209 22.87 6.52 -10.55
CA GLU A 209 22.54 5.11 -10.52
C GLU A 209 21.36 4.80 -9.60
N LEU A 210 20.33 5.64 -9.69
CA LEU A 210 19.12 5.45 -8.90
C LEU A 210 18.18 4.49 -9.64
N LYS A 211 17.43 3.70 -8.88
CA LYS A 211 16.31 2.97 -9.44
C LYS A 211 15.24 2.78 -8.36
N TRP A 212 14.05 2.37 -8.77
CA TRP A 212 13.02 2.04 -7.79
C TRP A 212 12.17 0.91 -8.34
N TYR A 213 11.40 0.27 -7.48
CA TYR A 213 10.58 -0.84 -7.95
C TYR A 213 9.28 -0.32 -8.52
N GLY A 214 8.69 -1.13 -9.38
CA GLY A 214 7.52 -0.74 -10.14
C GLY A 214 6.25 -0.63 -9.32
N VAL A 215 6.02 -1.62 -8.48
CA VAL A 215 4.71 -1.75 -7.84
C VAL A 215 4.77 -1.78 -6.32
N PRO A 216 4.15 -0.79 -5.67
CA PRO A 216 4.09 -0.76 -4.20
C PRO A 216 2.92 -1.61 -3.72
N ILE A 217 3.21 -2.60 -2.89
CA ILE A 217 2.21 -3.57 -2.46
C ILE A 217 2.20 -3.65 -0.94
N ILE A 218 1.28 -2.92 -0.31
CA ILE A 218 1.24 -2.78 1.15
C ILE A 218 0.75 -4.07 1.78
N SER A 219 1.57 -4.68 2.63
CA SER A 219 1.25 -6.02 3.05
C SER A 219 1.19 -6.18 4.56
N ASP A 220 1.08 -5.07 5.28
CA ASP A 220 1.08 -5.16 6.74
C ASP A 220 -0.14 -4.51 7.40
N MET A 221 -1.14 -4.16 6.60
CA MET A 221 -2.34 -3.54 7.16
C MET A 221 -3.46 -4.55 7.32
N LYS A 222 -4.34 -4.29 8.29
CA LYS A 222 -5.51 -5.11 8.48
C LYS A 222 -6.71 -4.55 7.75
N LEU A 223 -7.37 -5.39 6.96
CA LEU A 223 -8.63 -5.03 6.33
C LEU A 223 -9.74 -5.46 7.27
N GLU A 224 -10.65 -4.55 7.58
CA GLU A 224 -11.79 -4.89 8.45
C GLU A 224 -13.10 -4.71 7.69
N VAL A 225 -13.88 -5.77 7.63
CA VAL A 225 -15.14 -5.74 6.89
C VAL A 225 -16.23 -6.39 7.72
N GLY A 226 -17.17 -5.60 8.20
CA GLY A 226 -18.30 -6.11 8.96
C GLY A 226 -17.90 -6.96 10.15
N GLY A 227 -16.88 -6.51 10.87
CA GLY A 227 -16.47 -7.18 12.09
C GLY A 227 -15.45 -8.30 11.92
N ILE A 228 -15.21 -8.71 10.67
CA ILE A 228 -14.21 -9.72 10.37
C ILE A 228 -12.86 -9.05 10.12
N HIS A 229 -11.82 -9.57 10.75
CA HIS A 229 -10.49 -8.95 10.70
C HIS A 229 -9.51 -9.70 9.81
N TYR A 230 -9.37 -9.26 8.57
CA TYR A 230 -8.39 -9.83 7.65
C TYR A 230 -7.02 -9.17 7.86
N ASN A 231 -6.25 -9.68 8.82
CA ASN A 231 -4.94 -9.11 9.14
C ASN A 231 -3.96 -9.26 7.99
N ALA A 232 -4.26 -10.17 7.08
CA ALA A 232 -3.38 -10.42 5.94
C ALA A 232 -4.15 -10.27 4.63
N ALA A 233 -3.92 -9.14 3.99
CA ALA A 233 -4.64 -8.78 2.78
C ALA A 233 -3.83 -7.73 2.04
N PRO A 234 -2.72 -8.17 1.42
CA PRO A 234 -1.85 -7.22 0.73
C PRO A 234 -2.57 -6.57 -0.45
N PHE A 235 -2.37 -5.27 -0.63
CA PHE A 235 -3.05 -4.54 -1.70
C PHE A 235 -2.05 -3.61 -2.42
N ASN A 236 -2.37 -3.24 -3.65
CA ASN A 236 -1.50 -2.39 -4.46
C ASN A 236 -2.27 -1.48 -5.38
N GLY A 237 -1.70 -0.31 -5.66
CA GLY A 237 -2.14 0.54 -6.73
C GLY A 237 -0.90 0.77 -7.57
N TRP A 238 -0.80 1.96 -8.14
CA TRP A 238 0.44 2.41 -8.75
C TRP A 238 0.93 3.60 -7.91
N TYR A 239 2.18 3.98 -8.09
CA TYR A 239 2.76 5.07 -7.34
C TYR A 239 2.28 6.44 -7.82
N MET A 240 2.14 7.39 -6.89
CA MET A 240 2.14 8.79 -7.27
C MET A 240 3.62 9.19 -7.27
N GLY A 241 4.08 9.91 -8.30
CA GLY A 241 5.52 10.15 -8.44
C GLY A 241 6.24 10.71 -7.21
N THR A 242 5.59 11.65 -6.51
CA THR A 242 6.17 12.26 -5.31
C THR A 242 6.49 11.28 -4.18
N GLU A 243 5.84 10.12 -4.15
CA GLU A 243 6.13 9.19 -3.07
C GLU A 243 7.57 8.71 -3.22
N ILE A 244 8.03 8.62 -4.46
CA ILE A 244 9.37 8.16 -4.76
C ILE A 244 10.34 9.34 -4.76
N GLY A 245 10.02 10.37 -5.53
CA GLY A 245 10.93 11.49 -5.73
C GLY A 245 11.02 12.50 -4.59
N ALA A 246 9.96 12.61 -3.79
CA ALA A 246 9.94 13.63 -2.76
C ALA A 246 10.13 13.05 -1.37
N ARG A 247 9.99 11.73 -1.26
CA ARG A 247 10.09 11.05 0.03
C ARG A 247 11.11 9.90 0.05
N ASN A 248 10.81 8.78 -0.63
CA ASN A 248 11.72 7.63 -0.62
C ASN A 248 13.17 7.96 -0.98
N LEU A 249 13.35 8.79 -2.00
CA LEU A 249 14.69 9.13 -2.46
C LEU A 249 15.19 10.45 -1.87
N ALA A 250 14.30 11.22 -1.25
CA ALA A 250 14.63 12.58 -0.78
C ALA A 250 14.85 12.71 0.73
N ASP A 251 14.07 11.98 1.53
CA ASP A 251 14.11 12.17 2.97
C ASP A 251 15.50 11.89 3.52
N GLU A 252 15.92 12.66 4.53
CA GLU A 252 17.23 12.46 5.16
C GLU A 252 17.35 11.07 5.76
N LYS A 253 16.25 10.58 6.33
CA LYS A 253 16.22 9.26 6.93
C LYS A 253 15.85 8.13 5.95
N ARG A 254 15.78 8.44 4.66
CA ARG A 254 15.61 7.41 3.63
C ARG A 254 16.87 7.42 2.77
N TYR A 255 16.72 7.54 1.45
CA TYR A 255 17.91 7.56 0.59
C TYR A 255 18.69 8.88 0.56
N ASP A 256 18.08 9.98 1.01
CA ASP A 256 18.79 11.26 1.22
C ASP A 256 19.62 11.71 -0.01
N LYS A 257 19.00 11.72 -1.19
CA LYS A 257 19.75 12.03 -2.42
C LYS A 257 19.83 13.49 -2.89
N LEU A 258 19.25 14.44 -2.15
CA LEU A 258 19.14 15.79 -2.70
C LEU A 258 20.46 16.49 -3.03
N LYS A 259 21.45 16.35 -2.17
CA LYS A 259 22.76 16.97 -2.41
C LYS A 259 23.39 16.39 -3.66
N LYS A 260 23.28 15.09 -3.84
CA LYS A 260 23.81 14.44 -5.03
C LYS A 260 23.05 14.88 -6.29
N VAL A 261 21.74 14.99 -6.18
CA VAL A 261 20.95 15.53 -7.29
C VAL A 261 21.42 16.94 -7.64
N ALA A 262 21.59 17.77 -6.62
CA ALA A 262 22.03 19.15 -6.84
C ALA A 262 23.33 19.20 -7.63
N SER A 263 24.26 18.33 -7.29
CA SER A 263 25.54 18.28 -7.97
C SER A 263 25.42 17.87 -9.44
N VAL A 264 24.70 16.79 -9.73
CA VAL A 264 24.55 16.37 -11.12
C VAL A 264 23.74 17.34 -11.99
N ILE A 265 22.87 18.14 -11.39
CA ILE A 265 22.13 19.11 -12.21
C ILE A 265 22.88 20.46 -12.24
N GLY A 266 24.04 20.50 -11.61
CA GLY A 266 24.93 21.64 -11.74
C GLY A 266 24.58 22.88 -10.95
N ILE A 267 23.97 22.72 -9.77
CA ILE A 267 23.72 23.87 -8.89
C ILE A 267 24.42 23.64 -7.55
N ALA A 268 24.82 24.74 -6.91
CA ALA A 268 25.45 24.67 -5.59
C ALA A 268 24.44 24.25 -4.55
N ALA A 269 24.91 23.54 -3.53
CA ALA A 269 24.06 23.17 -2.41
C ALA A 269 24.60 23.81 -1.14
N ASP A 270 24.86 25.12 -1.21
CA ASP A 270 25.47 25.85 -0.10
C ASP A 270 24.52 26.77 0.66
N TYR A 271 23.61 27.43 -0.07
CA TYR A 271 22.76 28.46 0.53
C TYR A 271 21.26 28.14 0.52
N ASN A 272 20.63 28.21 1.69
CA ASN A 272 19.18 28.01 1.80
C ASN A 272 18.41 28.88 0.81
N THR A 273 18.85 30.13 0.69
CA THR A 273 18.17 31.10 -0.17
C THR A 273 18.31 30.81 -1.66
N ASP A 274 19.20 29.90 -2.05
CA ASP A 274 19.23 29.47 -3.45
C ASP A 274 18.09 28.48 -3.77
N LEU A 275 17.43 27.97 -2.73
CA LEU A 275 16.37 26.96 -2.90
C LEU A 275 16.88 25.77 -3.70
N TRP A 276 18.10 25.35 -3.39
CA TRP A 276 18.68 24.23 -4.10
C TRP A 276 17.95 22.95 -3.77
N LYS A 277 17.43 22.82 -2.55
CA LYS A 277 16.69 21.61 -2.22
C LYS A 277 15.39 21.55 -3.04
N ASP A 278 14.74 22.69 -3.21
CA ASP A 278 13.46 22.77 -3.93
C ASP A 278 13.69 22.43 -5.39
N GLN A 279 14.73 23.01 -5.97
CA GLN A 279 15.09 22.79 -7.36
C GLN A 279 15.48 21.33 -7.60
N ALA A 280 16.24 20.77 -6.66
CA ALA A 280 16.63 19.37 -6.73
C ALA A 280 15.41 18.47 -6.67
N LEU A 281 14.47 18.83 -5.79
CA LEU A 281 13.22 18.07 -5.66
C LEU A 281 12.45 18.04 -6.98
N VAL A 282 12.39 19.19 -7.65
CA VAL A 282 11.66 19.27 -8.90
C VAL A 282 12.31 18.41 -9.98
N GLU A 283 13.62 18.55 -10.18
CA GLU A 283 14.29 17.78 -11.23
C GLU A 283 14.23 16.28 -10.94
N LEU A 284 14.42 15.88 -9.68
CA LEU A 284 14.34 14.46 -9.32
C LEU A 284 12.94 13.91 -9.56
N ASN A 285 11.93 14.69 -9.19
CA ASN A 285 10.54 14.25 -9.44
C ASN A 285 10.18 14.22 -10.91
N LYS A 286 10.77 15.11 -11.70
CA LYS A 286 10.59 15.06 -13.15
C LYS A 286 11.22 13.77 -13.68
N ALA A 287 12.39 13.44 -13.15
CA ALA A 287 13.12 12.25 -13.57
C ALA A 287 12.29 11.01 -13.28
N VAL A 288 11.69 10.94 -12.11
CA VAL A 288 10.93 9.75 -11.74
C VAL A 288 9.75 9.52 -12.68
N LEU A 289 9.00 10.58 -12.96
CA LEU A 289 7.83 10.46 -13.84
C LEU A 289 8.26 10.07 -15.25
N HIS A 290 9.27 10.77 -15.76
CA HIS A 290 9.82 10.49 -17.08
C HIS A 290 10.30 9.05 -17.18
N SER A 291 10.98 8.56 -16.15
CA SER A 291 11.52 7.20 -16.22
C SER A 291 10.44 6.11 -16.23
N TYR A 292 9.44 6.24 -15.37
CA TYR A 292 8.34 5.28 -15.37
C TYR A 292 7.54 5.28 -16.69
N LYS A 293 7.16 6.46 -17.18
CA LYS A 293 6.41 6.58 -18.43
C LYS A 293 7.21 6.03 -19.60
N LYS A 294 8.51 6.27 -19.58
CA LYS A 294 9.39 5.78 -20.65
C LYS A 294 9.47 4.26 -20.67
N GLN A 295 9.52 3.64 -19.50
CA GLN A 295 9.59 2.18 -19.44
C GLN A 295 8.21 1.52 -19.57
N GLY A 296 7.15 2.31 -19.58
CA GLY A 296 5.82 1.76 -19.68
C GLY A 296 5.29 1.18 -18.38
N VAL A 297 5.70 1.76 -17.25
CA VAL A 297 5.17 1.37 -15.95
C VAL A 297 4.23 2.47 -15.42
N SER A 298 3.00 2.08 -15.05
CA SER A 298 2.00 3.04 -14.62
C SER A 298 2.53 3.89 -13.46
N ILE A 299 2.22 5.19 -13.51
CA ILE A 299 2.54 6.13 -12.44
C ILE A 299 1.63 7.33 -12.64
N VAL A 300 1.38 8.10 -11.59
CA VAL A 300 0.60 9.34 -11.73
C VAL A 300 1.35 10.51 -11.07
N ASP A 301 1.32 11.70 -11.69
CA ASP A 301 1.94 12.86 -11.04
C ASP A 301 0.96 13.45 -10.06
N HIS A 302 1.41 14.32 -9.16
CA HIS A 302 0.54 14.76 -8.09
C HIS A 302 -0.58 15.69 -8.56
N HIS A 303 -0.38 16.40 -9.67
CA HIS A 303 -1.43 17.31 -10.16
C HIS A 303 -2.62 16.53 -10.73
N THR A 304 -2.31 15.56 -11.58
CA THR A 304 -3.32 14.68 -12.17
C THR A 304 -4.05 13.92 -11.07
N ALA A 305 -3.28 13.39 -10.12
CA ALA A 305 -3.87 12.70 -8.97
C ALA A 305 -4.83 13.59 -8.18
N ALA A 306 -4.47 14.84 -7.92
CA ALA A 306 -5.38 15.74 -7.22
C ALA A 306 -6.64 16.03 -8.06
N SER A 307 -6.46 16.11 -9.38
CA SER A 307 -7.61 16.33 -10.29
C SER A 307 -8.57 15.15 -10.24
N GLN A 308 -8.00 13.94 -10.21
CA GLN A 308 -8.81 12.74 -10.07
C GLN A 308 -9.54 12.75 -8.72
N PHE A 309 -8.85 13.14 -7.66
CA PHE A 309 -9.45 13.17 -6.34
C PHE A 309 -10.64 14.14 -6.24
N LYS A 310 -10.53 15.27 -6.93
CA LYS A 310 -11.63 16.25 -7.00
C LYS A 310 -12.86 15.55 -7.60
N ARG A 311 -12.64 14.76 -8.65
CA ARG A 311 -13.73 13.98 -9.23
C ARG A 311 -14.29 13.00 -8.21
N PHE A 312 -13.41 12.41 -7.40
CA PHE A 312 -13.87 11.53 -6.32
C PHE A 312 -14.81 12.29 -5.38
N GLU A 313 -14.42 13.49 -4.97
CA GLU A 313 -15.24 14.34 -4.11
C GLU A 313 -16.61 14.62 -4.76
N GLU A 314 -16.58 14.98 -6.04
CA GLU A 314 -17.81 15.31 -6.78
C GLU A 314 -18.68 14.07 -6.90
N GLN A 315 -18.08 12.93 -7.20
CA GLN A 315 -18.81 11.68 -7.26
C GLN A 315 -19.43 11.28 -5.91
N ALA A 316 -18.69 11.49 -4.81
CA ALA A 316 -19.23 11.19 -3.49
C ALA A 316 -20.48 12.03 -3.20
N GLU A 317 -20.40 13.32 -3.48
CA GLU A 317 -21.55 14.21 -3.26
C GLU A 317 -22.76 13.79 -4.10
N GLU A 318 -22.51 13.45 -5.37
CA GLU A 318 -23.56 13.00 -6.28
C GLU A 318 -24.22 11.70 -5.83
N ALA A 319 -23.46 10.83 -5.16
CA ALA A 319 -24.01 9.56 -4.71
C ALA A 319 -24.67 9.69 -3.35
N GLY A 320 -24.60 10.90 -2.78
CA GLY A 320 -25.15 11.14 -1.46
C GLY A 320 -24.32 10.57 -0.33
N ARG A 321 -23.06 10.22 -0.60
CA ARG A 321 -22.17 9.73 0.45
C ARG A 321 -21.37 10.87 1.06
N LYS A 322 -21.25 10.83 2.39
CA LYS A 322 -20.37 11.72 3.11
C LYS A 322 -18.93 11.43 2.67
N LEU A 323 -18.14 12.48 2.44
CA LEU A 323 -16.72 12.35 2.10
C LEU A 323 -15.88 12.45 3.36
N THR A 324 -14.92 11.54 3.54
CA THR A 324 -13.97 11.72 4.63
C THR A 324 -12.53 11.75 4.11
N GLY A 325 -11.66 12.49 4.79
CA GLY A 325 -10.29 12.61 4.33
C GLY A 325 -9.37 13.16 5.39
N ASP A 326 -8.08 12.84 5.25
CA ASP A 326 -7.04 13.35 6.14
C ASP A 326 -6.20 14.36 5.38
N TRP A 327 -6.53 15.65 5.55
CA TRP A 327 -5.84 16.76 4.90
C TRP A 327 -4.31 16.64 4.93
N THR A 328 -3.76 16.21 6.07
CA THR A 328 -2.31 16.17 6.25
C THR A 328 -1.61 15.11 5.41
N TRP A 329 -2.39 14.12 4.96
CA TRP A 329 -1.86 13.06 4.08
C TRP A 329 -2.23 13.28 2.63
N LEU A 330 -3.36 13.93 2.38
CA LEU A 330 -3.83 14.15 1.01
C LEU A 330 -3.02 15.19 0.25
N ILE A 331 -2.56 16.25 0.93
CA ILE A 331 -1.74 17.23 0.23
C ILE A 331 -0.43 16.56 -0.18
N PRO A 332 0.05 16.84 -1.40
CA PRO A 332 1.34 16.24 -1.81
C PRO A 332 2.53 16.93 -1.15
N PRO A 333 3.67 16.23 -1.04
CA PRO A 333 4.82 16.84 -0.35
C PRO A 333 5.57 17.88 -1.19
N ILE A 334 5.17 18.10 -2.45
CA ILE A 334 5.69 19.27 -3.19
C ILE A 334 4.55 20.01 -3.87
N SER A 335 4.73 21.32 -4.05
CA SER A 335 3.67 22.22 -4.53
C SER A 335 2.27 21.93 -4.04
N PRO A 336 2.08 21.68 -2.73
CA PRO A 336 0.73 21.32 -2.31
C PRO A 336 -0.28 22.45 -2.53
N ALA A 337 0.16 23.68 -2.40
CA ALA A 337 -0.74 24.82 -2.63
C ALA A 337 -1.17 24.97 -4.10
N ALA A 338 -0.53 24.23 -5.00
CA ALA A 338 -0.98 24.24 -6.40
C ALA A 338 -2.09 23.21 -6.68
N THR A 339 -2.54 22.52 -5.63
CA THR A 339 -3.68 21.61 -5.75
C THR A 339 -4.85 22.16 -4.94
N HIS A 340 -6.07 21.83 -5.37
CA HIS A 340 -7.29 22.26 -4.69
C HIS A 340 -7.41 21.70 -3.28
N ILE A 341 -6.79 20.55 -3.05
CA ILE A 341 -6.82 19.87 -1.76
C ILE A 341 -6.37 20.82 -0.63
N PHE A 342 -5.25 21.49 -0.86
CA PHE A 342 -4.65 22.41 0.11
C PHE A 342 -5.66 23.47 0.57
N HIS A 343 -6.54 23.89 -0.33
CA HIS A 343 -7.39 25.06 -0.09
C HIS A 343 -8.76 24.69 0.47
N ARG A 344 -9.00 23.41 0.75
CA ARG A 344 -10.23 23.07 1.47
C ARG A 344 -9.95 22.23 2.71
N SER A 345 -11.02 21.91 3.43
CA SER A 345 -10.93 21.10 4.65
C SER A 345 -11.60 19.76 4.44
N TYR A 346 -11.28 18.79 5.28
CA TYR A 346 -11.83 17.43 5.17
C TYR A 346 -12.18 16.87 6.54
N ASP A 347 -13.31 16.18 6.64
CA ASP A 347 -13.69 15.49 7.86
C ASP A 347 -12.87 14.19 8.05
N ASN A 348 -12.04 14.14 9.09
CA ASN A 348 -11.18 12.95 9.31
C ASN A 348 -11.84 11.80 10.09
N SER A 349 -13.16 11.69 10.03
CA SER A 349 -13.84 10.59 10.72
C SER A 349 -13.48 9.23 10.14
N ILE A 350 -13.38 8.22 11.01
CA ILE A 350 -13.16 6.84 10.56
C ILE A 350 -14.48 6.10 10.31
N VAL A 351 -14.70 5.72 9.05
CA VAL A 351 -15.87 4.93 8.64
C VAL A 351 -15.40 3.53 8.23
N LYS A 352 -16.19 2.50 8.53
CA LYS A 352 -15.84 1.13 8.16
C LYS A 352 -16.75 0.61 7.05
N PRO A 353 -16.28 -0.37 6.25
CA PRO A 353 -14.97 -1.06 6.21
C PRO A 353 -13.78 -0.12 6.02
N ASN A 354 -12.60 -0.54 6.43
CA ASN A 354 -11.41 0.31 6.28
C ASN A 354 -10.15 -0.50 6.47
N TYR A 355 -9.01 0.09 6.12
CA TYR A 355 -7.70 -0.51 6.41
C TYR A 355 -7.09 0.15 7.64
N PHE A 356 -6.49 -0.66 8.52
CA PHE A 356 -5.94 -0.14 9.77
C PHE A 356 -4.53 -0.65 10.02
N TYR A 357 -3.78 0.11 10.80
CA TYR A 357 -2.46 -0.33 11.22
C TYR A 357 -2.62 -1.47 12.21
N GLN A 358 -1.63 -2.36 12.27
CA GLN A 358 -1.53 -3.37 13.32
C GLN A 358 -0.08 -3.47 13.74
N ASP A 359 0.16 -3.95 14.97
CA ASP A 359 1.52 -4.04 15.49
C ASP A 359 2.41 -4.96 14.65
N LYS A 360 3.67 -4.58 14.49
CA LYS A 360 4.64 -5.43 13.81
C LYS A 360 4.92 -6.66 14.69
N PRO A 361 5.12 -7.82 14.06
CA PRO A 361 5.46 -9.07 14.77
C PRO A 361 6.94 -9.14 15.20
N TYR A 362 7.80 -8.41 14.51
CA TYR A 362 9.19 -8.28 14.91
C TYR A 362 9.34 -6.92 15.60
N GLU A 363 10.48 -6.69 16.24
CA GLU A 363 10.72 -5.47 17.04
C GLU A 363 9.67 -5.26 18.15
#